data_9BJ0
#
_entry.id   9BJ0
#
_cell.length_a   90.421
_cell.length_b   94.179
_cell.length_c   160.049
_cell.angle_alpha   90.000
_cell.angle_beta   90.000
_cell.angle_gamma   90.000
#
_symmetry.space_group_name_H-M   'C 2 2 21'
#
loop_
_entity.id
_entity.type
_entity.pdbx_description
1 polymer 'Intracellular growth attenuator protein igaA'
2 water water
#
_entity_poly.entity_id   1
_entity_poly.type   'polypeptide(L)'
_entity_poly.pdbx_seq_one_letter_code
;SAQTIEATSVKQLADAGVRVGDTLRISGTGMCNIRTSGTWSAKTNSPFLPFDCSQIIWNDARSLPLPESELVNKATALTE
AVNRQLHPKPEDESRVSASLRSAIQKSGMVLLDDFGDIVLKTADLCSAKDDCVRLKNALVNLGNSKDWDALVKRANAGKL
DGVNVLLRPVSAESLDNLVATSTAPFITHETARAAQSLNSPAPGGFLIVSDEGSDFVDQPWPSASLYDYPPQEQWNAFQK
LAQMLMHTPFNAEGIVTKIFTDANGTQHIGLHPI
;
_entity_poly.pdbx_strand_id   A,B
#
# COMPACT_ATOMS: atom_id res chain seq x y z
N SER A 1 5.43 27.87 -32.54
CA SER A 1 4.63 27.89 -31.32
C SER A 1 5.24 26.97 -30.21
N ALA A 2 6.56 27.03 -30.02
CA ALA A 2 7.24 26.26 -28.99
C ALA A 2 7.47 27.16 -27.77
N GLN A 3 6.67 26.94 -26.72
CA GLN A 3 6.92 27.64 -25.47
C GLN A 3 8.18 27.11 -24.79
N THR A 4 8.65 27.84 -23.79
CA THR A 4 9.72 27.35 -22.91
C THR A 4 9.36 27.69 -21.47
N ILE A 5 9.32 26.66 -20.62
CA ILE A 5 8.56 26.71 -19.37
C ILE A 5 9.49 26.41 -18.21
N GLU A 6 9.59 27.36 -17.28
CA GLU A 6 10.09 27.12 -15.94
C GLU A 6 8.91 26.86 -15.03
N ALA A 7 8.98 25.80 -14.23
CA ALA A 7 7.93 25.49 -13.27
C ALA A 7 8.57 24.93 -12.01
N THR A 8 8.17 25.49 -10.88
CA THR A 8 8.62 25.03 -9.58
C THR A 8 7.50 24.45 -8.73
N SER A 9 6.26 24.56 -9.21
CA SER A 9 5.11 24.00 -8.52
C SER A 9 4.28 23.30 -9.57
N VAL A 10 3.44 22.35 -9.11
CA VAL A 10 2.59 21.60 -10.03
C VAL A 10 1.66 22.52 -10.82
N LYS A 11 1.03 23.47 -10.15
CA LYS A 11 -0.01 24.22 -10.86
C LYS A 11 0.57 25.16 -11.90
N GLN A 12 1.85 25.51 -11.79
CA GLN A 12 2.49 26.27 -12.85
C GLN A 12 2.56 25.44 -14.13
N LEU A 13 2.87 24.16 -14.01
CA LEU A 13 3.00 23.31 -15.17
C LEU A 13 1.64 23.03 -15.80
N ALA A 14 0.62 22.81 -14.96
CA ALA A 14 -0.75 22.63 -15.45
C ALA A 14 -1.20 23.86 -16.22
N ASP A 15 -0.83 25.05 -15.72
CA ASP A 15 -1.18 26.29 -16.40
C ASP A 15 -0.51 26.38 -17.77
N ALA A 16 0.81 26.16 -17.79
CA ALA A 16 1.59 26.42 -18.99
C ALA A 16 1.16 25.60 -20.21
N GLY A 17 0.29 24.61 -20.04
CA GLY A 17 -0.18 23.80 -21.15
C GLY A 17 0.91 23.30 -22.09
N VAL A 18 1.65 22.27 -21.63
CA VAL A 18 2.81 21.81 -22.37
C VAL A 18 2.38 21.03 -23.61
N ARG A 19 3.03 21.30 -24.72
CA ARG A 19 2.83 20.58 -25.96
C ARG A 19 4.16 19.96 -26.37
N VAL A 20 4.11 18.86 -27.13
CA VAL A 20 5.35 18.23 -27.55
C VAL A 20 6.17 19.21 -28.39
N GLY A 21 7.47 19.28 -28.09
CA GLY A 21 8.35 20.30 -28.61
C GLY A 21 8.85 21.29 -27.58
N ASP A 22 8.11 21.47 -26.48
CA ASP A 22 8.46 22.48 -25.49
C ASP A 22 9.74 22.09 -24.75
N THR A 23 10.36 23.09 -24.10
CA THR A 23 11.49 22.88 -23.21
C THR A 23 11.05 23.15 -21.77
N LEU A 24 11.03 22.10 -20.95
CA LEU A 24 10.75 22.25 -19.53
C LEU A 24 12.06 22.34 -18.77
N ARG A 25 12.07 23.23 -17.77
CA ARG A 25 13.04 23.18 -16.69
C ARG A 25 12.23 23.19 -15.40
N ILE A 26 12.27 22.06 -14.70
CA ILE A 26 11.24 21.65 -13.77
C ILE A 26 11.93 21.27 -12.46
N SER A 27 11.43 21.77 -11.33
CA SER A 27 12.08 21.41 -10.08
C SER A 27 11.14 21.64 -8.92
N GLY A 28 11.36 20.86 -7.86
CA GLY A 28 10.51 20.90 -6.69
C GLY A 28 10.70 19.62 -5.87
N THR A 29 9.64 19.23 -5.18
CA THR A 29 9.63 18.06 -4.33
C THR A 29 8.64 17.04 -4.88
N GLY A 30 9.05 15.77 -4.94
CA GLY A 30 8.20 14.72 -5.45
C GLY A 30 8.46 13.34 -4.87
N MET A 31 7.92 12.31 -5.52
CA MET A 31 8.05 10.91 -5.12
C MET A 31 8.56 10.09 -6.29
N CYS A 32 9.40 9.11 -5.99
CA CYS A 32 9.86 8.19 -7.03
C CYS A 32 8.81 7.12 -7.26
N ASN A 33 8.62 6.74 -8.52
CA ASN A 33 7.59 5.79 -8.92
C ASN A 33 7.98 4.38 -8.47
N ILE A 34 7.00 3.46 -8.55
CA ILE A 34 7.19 2.04 -8.25
C ILE A 34 6.50 1.22 -9.34
N ARG A 35 7.24 0.25 -9.92
CA ARG A 35 6.92 -0.42 -11.20
C ARG A 35 6.90 0.52 -12.41
N SER A 46 18.54 -0.74 -11.39
CA SER A 46 17.89 0.33 -10.62
C SER A 46 18.60 0.67 -9.31
N PRO A 47 19.14 1.89 -9.20
CA PRO A 47 19.85 2.27 -7.95
C PRO A 47 18.99 2.18 -6.70
N PHE A 48 17.82 2.79 -6.70
CA PHE A 48 16.99 2.78 -5.52
C PHE A 48 15.84 1.84 -5.57
N LEU A 49 15.84 0.63 -6.35
CA LEU A 49 14.96 -0.47 -6.29
C LEU A 49 14.42 -0.62 -4.84
N PRO A 50 13.19 -0.60 -4.65
CA PRO A 50 12.03 -0.73 -5.50
C PRO A 50 11.58 0.54 -6.16
N PHE A 51 12.19 1.67 -5.85
CA PHE A 51 11.81 2.88 -6.47
C PHE A 51 12.58 3.05 -7.72
N ASP A 52 11.99 3.72 -8.68
CA ASP A 52 12.60 3.98 -9.98
C ASP A 52 12.61 5.51 -10.16
N CYS A 53 13.77 6.13 -9.92
CA CYS A 53 13.84 7.59 -9.83
C CYS A 53 14.12 8.26 -11.16
N SER A 54 13.87 7.55 -12.27
CA SER A 54 13.82 8.14 -13.59
C SER A 54 12.41 8.55 -13.98
N GLN A 55 11.43 8.24 -13.13
CA GLN A 55 10.07 8.76 -13.25
C GLN A 55 9.70 9.38 -11.91
N ILE A 56 9.24 10.62 -11.92
CA ILE A 56 8.91 11.33 -10.70
C ILE A 56 7.41 11.59 -10.65
N ILE A 57 6.77 11.18 -9.56
CA ILE A 57 5.38 11.54 -9.34
C ILE A 57 5.34 12.94 -8.73
N TRP A 58 4.63 13.85 -9.39
CA TRP A 58 4.59 15.25 -8.98
C TRP A 58 3.13 15.54 -8.73
N ASN A 59 2.76 15.65 -7.46
CA ASN A 59 1.39 15.76 -7.04
C ASN A 59 1.34 16.56 -5.75
N ASP A 60 0.28 17.31 -5.56
CA ASP A 60 0.11 18.09 -4.34
C ASP A 60 -0.59 17.32 -3.22
N ALA A 61 -1.32 16.24 -3.54
CA ALA A 61 -1.93 15.40 -2.51
C ALA A 61 -0.86 14.79 -1.61
N ARG A 62 -0.98 15.00 -0.31
CA ARG A 62 0.22 14.71 0.45
C ARG A 62 0.32 13.23 0.77
N SER A 63 1.52 12.84 1.20
CA SER A 63 2.03 11.50 0.98
C SER A 63 1.39 10.47 1.90
N LEU A 64 1.42 9.24 1.43
CA LEU A 64 1.02 8.10 2.23
C LEU A 64 1.94 7.96 3.44
N PRO A 65 1.45 7.38 4.53
CA PRO A 65 2.31 7.16 5.70
C PRO A 65 3.23 5.97 5.46
N LEU A 66 4.31 5.91 6.23
CA LEU A 66 5.13 4.71 6.17
C LEU A 66 4.27 3.49 6.49
N PRO A 67 4.44 2.39 5.77
CA PRO A 67 3.65 1.19 6.09
C PRO A 67 4.11 0.53 7.39
N GLU A 68 3.21 -0.27 7.94
CA GLU A 68 3.50 -1.07 9.11
C GLU A 68 3.33 -2.55 8.75
N SER A 69 3.73 -3.38 9.66
CA SER A 69 3.57 -4.77 9.45
C SER A 69 3.52 -5.43 10.76
N GLU A 70 2.51 -6.23 10.96
CA GLU A 70 2.40 -6.94 12.18
C GLU A 70 3.34 -8.11 12.06
N LEU A 71 3.47 -8.63 10.86
CA LEU A 71 4.33 -9.76 10.65
C LEU A 71 5.76 -9.47 11.05
N VAL A 72 6.33 -8.42 10.50
CA VAL A 72 7.70 -8.04 10.83
C VAL A 72 7.87 -7.90 12.32
N ASN A 73 6.94 -7.20 12.98
CA ASN A 73 7.02 -7.07 14.43
C ASN A 73 7.04 -8.43 15.09
N LYS A 74 6.26 -9.39 14.57
CA LYS A 74 6.23 -10.74 15.14
C LYS A 74 7.55 -11.45 14.90
N ALA A 75 8.19 -11.18 13.75
CA ALA A 75 9.41 -11.88 13.38
C ALA A 75 10.60 -11.37 14.17
N THR A 76 10.78 -10.06 14.23
CA THR A 76 11.94 -9.56 14.95
C THR A 76 11.76 -9.70 16.46
N ALA A 77 10.54 -10.03 16.93
CA ALA A 77 10.33 -10.28 18.36
C ALA A 77 10.69 -11.71 18.76
N LEU A 78 10.41 -12.67 17.89
CA LEU A 78 10.85 -14.04 18.15
C LEU A 78 12.37 -14.12 18.06
N THR A 79 12.94 -13.59 16.98
CA THR A 79 14.39 -13.47 16.87
C THR A 79 15.02 -13.00 18.17
N GLU A 80 14.51 -11.95 18.75
CA GLU A 80 15.08 -11.41 19.96
C GLU A 80 14.85 -12.24 21.17
N ALA A 81 13.69 -12.83 21.24
CA ALA A 81 13.40 -13.71 22.37
C ALA A 81 14.41 -14.86 22.42
N VAL A 82 14.69 -15.49 21.28
CA VAL A 82 15.67 -16.56 21.30
C VAL A 82 17.06 -16.00 21.55
N ASN A 83 17.41 -14.88 20.92
CA ASN A 83 18.76 -14.36 21.06
C ASN A 83 19.04 -13.89 22.47
N ARG A 84 18.03 -13.39 23.17
CA ARG A 84 18.28 -12.93 24.53
C ARG A 84 18.34 -14.09 25.53
N GLN A 85 17.92 -15.28 25.12
CA GLN A 85 18.08 -16.47 25.94
C GLN A 85 19.31 -17.29 25.56
N LEU A 86 19.77 -17.17 24.30
CA LEU A 86 20.96 -17.87 23.82
C LEU A 86 22.23 -17.11 24.15
N HIS A 87 22.13 -15.79 24.27
CA HIS A 87 23.25 -14.94 24.66
C HIS A 87 22.79 -14.06 25.82
N PRO A 88 22.51 -14.66 26.98
CA PRO A 88 22.14 -13.83 28.15
C PRO A 88 23.29 -12.91 28.55
N LYS A 89 22.93 -11.75 29.11
CA LYS A 89 23.98 -10.82 29.47
C LYS A 89 24.22 -10.88 30.98
N PRO A 90 25.49 -10.63 31.41
CA PRO A 90 25.84 -10.71 32.84
C PRO A 90 24.77 -10.13 33.76
N GLU A 91 24.32 -8.93 33.40
CA GLU A 91 23.12 -8.34 33.96
C GLU A 91 21.89 -9.16 33.58
N ASP A 92 21.48 -10.10 34.43
CA ASP A 92 20.29 -10.86 34.10
C ASP A 92 19.66 -11.43 35.35
N GLU A 93 18.33 -11.34 35.42
CA GLU A 93 17.60 -12.12 36.40
C GLU A 93 17.68 -13.60 36.08
N SER A 94 17.47 -14.40 37.12
CA SER A 94 17.60 -15.83 37.04
C SER A 94 17.27 -16.46 38.37
N ARG A 95 16.27 -17.32 38.43
CA ARG A 95 16.13 -18.16 39.61
C ARG A 95 17.05 -19.38 39.55
N VAL A 96 18.06 -19.32 38.68
CA VAL A 96 19.14 -20.29 38.57
C VAL A 96 20.36 -19.74 39.30
N SER A 97 21.15 -20.64 39.90
CA SER A 97 22.36 -20.24 40.62
C SER A 97 23.26 -19.37 39.73
N ALA A 98 24.04 -18.50 40.37
CA ALA A 98 24.87 -17.56 39.61
C ALA A 98 26.12 -18.25 39.05
N SER A 99 26.86 -18.94 39.93
CA SER A 99 28.08 -19.64 39.54
C SER A 99 27.76 -20.81 38.64
N LEU A 100 26.57 -21.40 38.80
CA LEU A 100 26.12 -22.39 37.83
C LEU A 100 25.92 -21.76 36.45
N ARG A 101 25.43 -20.52 36.40
CA ARG A 101 25.28 -19.86 35.11
C ARG A 101 26.64 -19.66 34.45
N SER A 102 27.66 -19.32 35.25
CA SER A 102 28.97 -19.05 34.67
C SER A 102 29.60 -20.30 34.06
N ALA A 103 29.23 -21.48 34.57
CA ALA A 103 29.76 -22.73 34.05
C ALA A 103 29.04 -23.18 32.79
N ILE A 104 27.74 -22.86 32.67
CA ILE A 104 27.03 -23.13 31.43
C ILE A 104 27.67 -22.37 30.27
N GLN A 105 28.08 -21.13 30.52
CA GLN A 105 28.71 -20.30 29.51
C GLN A 105 30.17 -20.66 29.24
N LYS A 106 30.87 -21.25 30.22
CA LYS A 106 32.24 -21.71 29.98
C LYS A 106 32.26 -22.93 29.09
N SER A 107 31.26 -23.79 29.20
CA SER A 107 31.26 -25.03 28.44
C SER A 107 30.49 -24.92 27.12
N GLY A 108 29.92 -23.75 26.79
CA GLY A 108 29.25 -23.50 25.53
C GLY A 108 27.78 -23.84 25.48
N MET A 109 27.16 -24.16 26.60
CA MET A 109 25.80 -24.67 26.58
C MET A 109 24.80 -23.53 26.71
N VAL A 110 23.51 -23.87 26.64
CA VAL A 110 22.43 -22.88 26.60
C VAL A 110 21.31 -23.34 27.51
N LEU A 111 20.87 -22.46 28.41
CA LEU A 111 19.74 -22.76 29.32
C LEU A 111 18.56 -21.87 28.98
N LEU A 112 17.48 -22.49 28.51
CA LEU A 112 16.29 -21.73 28.18
C LEU A 112 15.51 -21.41 29.44
N ASP A 113 15.64 -20.15 29.90
CA ASP A 113 14.76 -19.55 30.89
C ASP A 113 13.31 -19.95 30.61
N ASP A 114 12.76 -19.38 29.53
CA ASP A 114 11.35 -19.50 29.18
C ASP A 114 11.22 -20.19 27.83
N PHE A 115 11.41 -21.50 27.84
CA PHE A 115 11.04 -22.31 26.68
C PHE A 115 9.62 -21.99 26.21
N GLY A 116 8.71 -21.71 27.14
CA GLY A 116 7.34 -21.40 26.76
C GLY A 116 7.22 -20.17 25.90
N ASP A 117 8.06 -19.16 26.15
CA ASP A 117 7.99 -17.96 25.31
C ASP A 117 8.52 -18.24 23.90
N ILE A 118 9.57 -19.07 23.78
CA ILE A 118 10.06 -19.44 22.47
C ILE A 118 8.96 -20.10 21.66
N VAL A 119 8.20 -21.00 22.29
CA VAL A 119 7.23 -21.78 21.54
C VAL A 119 6.05 -20.91 21.10
N LEU A 120 5.48 -20.13 22.03
CA LEU A 120 4.36 -19.28 21.68
C LEU A 120 4.72 -18.32 20.55
N LYS A 121 5.81 -17.59 20.70
CA LYS A 121 6.15 -16.58 19.71
C LYS A 121 6.52 -17.21 18.37
N THR A 122 6.90 -18.49 18.35
CA THR A 122 7.06 -19.22 17.09
C THR A 122 5.72 -19.50 16.41
N ALA A 123 4.75 -20.07 17.14
CA ALA A 123 3.47 -20.37 16.52
C ALA A 123 2.74 -19.08 16.15
N ASP A 124 2.84 -18.06 17.01
CA ASP A 124 2.33 -16.72 16.70
C ASP A 124 2.76 -16.26 15.30
N LEU A 125 3.99 -16.54 14.94
CA LEU A 125 4.52 -16.12 13.69
C LEU A 125 4.30 -17.14 12.62
N CYS A 126 4.78 -18.35 12.80
CA CYS A 126 4.54 -19.33 11.77
C CYS A 126 3.18 -19.87 12.01
N SER A 127 2.18 -19.16 11.75
CA SER A 127 0.81 -19.59 11.97
C SER A 127 0.42 -20.85 11.23
N ALA A 128 0.59 -20.77 9.90
CA ALA A 128 0.24 -21.92 9.12
C ALA A 128 0.95 -23.17 9.53
N LYS A 129 0.33 -24.31 9.28
CA LYS A 129 0.97 -25.58 9.62
C LYS A 129 2.19 -25.87 8.75
N ASP A 130 2.17 -25.35 7.55
CA ASP A 130 3.28 -25.53 6.66
C ASP A 130 4.35 -24.48 6.91
N ASP A 131 4.08 -23.47 7.67
CA ASP A 131 5.06 -22.42 7.93
C ASP A 131 6.20 -22.95 8.79
N CYS A 132 7.43 -22.63 8.39
CA CYS A 132 8.68 -22.99 9.08
C CYS A 132 8.65 -24.35 9.72
N VAL A 133 8.50 -25.45 8.95
CA VAL A 133 8.27 -26.64 9.77
C VAL A 133 9.55 -27.14 10.46
N ARG A 134 10.73 -26.89 9.89
CA ARG A 134 11.96 -27.47 10.44
C ARG A 134 12.27 -26.94 11.84
N LEU A 135 12.00 -25.66 12.09
CA LEU A 135 12.21 -25.13 13.42
C LEU A 135 11.25 -25.78 14.42
N LYS A 136 9.96 -25.87 14.06
CA LYS A 136 8.98 -26.49 14.94
C LYS A 136 9.39 -27.92 15.30
N ASN A 137 9.92 -28.67 14.33
CA ASN A 137 10.49 -29.98 14.61
C ASN A 137 11.59 -29.86 15.65
N ALA A 138 12.66 -29.12 15.33
CA ALA A 138 13.75 -28.94 16.28
C ALA A 138 13.26 -28.41 17.63
N LEU A 139 12.10 -27.76 17.67
CA LEU A 139 11.59 -27.22 18.92
C LEU A 139 10.91 -28.27 19.79
N VAL A 140 10.64 -29.47 19.26
CA VAL A 140 9.93 -30.49 20.02
C VAL A 140 10.87 -31.51 20.63
N ASN A 141 11.98 -31.85 19.95
CA ASN A 141 12.98 -32.74 20.55
C ASN A 141 13.50 -32.16 21.86
N LEU A 142 13.50 -30.84 21.95
CA LEU A 142 14.19 -30.14 23.01
C LEU A 142 13.22 -29.86 24.16
N GLY A 143 12.82 -30.96 24.78
CA GLY A 143 11.81 -30.94 25.82
C GLY A 143 11.03 -32.24 25.86
N LYS A 146 6.86 -35.38 21.82
CA LYS A 146 5.54 -34.76 21.67
C LYS A 146 5.17 -34.68 20.18
N ASP A 147 4.45 -33.63 19.79
CA ASP A 147 4.29 -33.24 18.39
C ASP A 147 3.88 -31.77 18.38
N TRP A 148 4.16 -31.09 17.26
CA TRP A 148 4.12 -29.63 17.26
C TRP A 148 2.75 -29.11 17.68
N ASP A 149 1.68 -29.69 17.14
CA ASP A 149 0.32 -29.24 17.46
C ASP A 149 -0.10 -29.65 18.87
N ALA A 150 0.86 -29.99 19.71
CA ALA A 150 0.68 -30.31 21.12
C ALA A 150 1.67 -29.58 22.01
N LEU A 151 2.91 -29.38 21.55
CA LEU A 151 3.83 -28.51 22.28
C LEU A 151 3.19 -27.14 22.49
N VAL A 152 2.59 -26.61 21.42
CA VAL A 152 1.85 -25.34 21.50
C VAL A 152 0.77 -25.41 22.58
N LYS A 153 0.03 -26.52 22.63
CA LYS A 153 -0.99 -26.69 23.67
C LYS A 153 -0.36 -26.64 25.06
N ARG A 154 0.69 -27.44 25.29
CA ARG A 154 1.37 -27.40 26.59
C ARG A 154 1.97 -26.03 26.86
N ALA A 155 2.37 -25.32 25.82
CA ALA A 155 2.92 -23.99 25.99
C ALA A 155 1.83 -22.95 26.16
N ASN A 156 0.65 -23.22 25.61
CA ASN A 156 -0.47 -22.28 25.68
C ASN A 156 -0.88 -22.02 27.11
N ALA A 157 -1.16 -23.09 27.84
CA ALA A 157 -1.58 -22.95 29.23
C ALA A 157 -0.47 -22.31 30.07
N GLY A 158 0.79 -22.65 29.77
CA GLY A 158 1.92 -22.04 30.45
C GLY A 158 2.67 -23.01 31.33
N LYS A 159 3.15 -24.10 30.74
CA LYS A 159 3.73 -25.18 31.52
C LYS A 159 5.21 -25.39 31.29
N LEU A 160 5.76 -24.93 30.19
CA LEU A 160 7.18 -25.04 29.92
C LEU A 160 7.95 -23.82 30.41
N ASP A 161 7.33 -23.05 31.31
CA ASP A 161 8.03 -22.04 32.11
C ASP A 161 8.84 -22.65 33.24
N GLY A 162 8.44 -23.83 33.72
CA GLY A 162 9.13 -24.53 34.79
C GLY A 162 10.05 -25.62 34.28
N VAL A 163 9.88 -26.04 33.03
CA VAL A 163 10.88 -26.88 32.40
C VAL A 163 12.13 -26.04 32.17
N ASN A 164 13.27 -26.63 32.46
CA ASN A 164 14.56 -26.10 32.07
C ASN A 164 15.13 -27.06 31.04
N VAL A 165 15.49 -26.55 29.87
CA VAL A 165 16.06 -27.36 28.81
C VAL A 165 17.47 -26.87 28.55
N LEU A 166 18.44 -27.76 28.71
CA LEU A 166 19.84 -27.40 28.51
C LEU A 166 20.34 -27.93 27.17
N LEU A 167 21.06 -27.08 26.45
CA LEU A 167 21.43 -27.34 25.06
C LEU A 167 22.93 -27.60 24.92
N ARG A 168 23.28 -28.71 24.28
CA ARG A 168 24.68 -28.94 23.93
C ARG A 168 25.05 -27.93 22.84
N PRO A 169 26.35 -27.61 22.72
CA PRO A 169 26.72 -26.41 21.94
C PRO A 169 26.33 -26.43 20.46
N VAL A 170 26.34 -27.57 19.77
CA VAL A 170 26.02 -27.40 18.35
C VAL A 170 24.52 -27.30 18.16
N SER A 171 23.72 -27.92 19.02
CA SER A 171 22.27 -27.76 18.91
C SER A 171 21.87 -26.31 19.18
N ALA A 172 22.55 -25.67 20.14
CA ALA A 172 22.35 -24.25 20.40
C ALA A 172 22.58 -23.41 19.14
N GLU A 173 23.80 -23.46 18.60
CA GLU A 173 24.13 -22.62 17.46
C GLU A 173 23.35 -23.05 16.22
N SER A 174 22.98 -24.34 16.15
CA SER A 174 22.09 -24.81 15.08
C SER A 174 20.67 -24.26 15.24
N LEU A 175 20.19 -24.16 16.48
CA LEU A 175 18.86 -23.58 16.69
C LEU A 175 18.88 -22.08 16.44
N ASP A 176 19.92 -21.40 16.91
CA ASP A 176 20.27 -20.04 16.48
C ASP A 176 20.05 -19.87 14.96
N ASN A 177 20.81 -20.61 14.15
CA ASN A 177 20.73 -20.47 12.70
C ASN A 177 19.34 -20.82 12.18
N LEU A 178 18.69 -21.80 12.81
CA LEU A 178 17.34 -22.17 12.37
C LEU A 178 16.35 -21.03 12.62
N VAL A 179 16.52 -20.27 13.70
CA VAL A 179 15.62 -19.14 13.94
C VAL A 179 15.92 -18.01 12.97
N ALA A 180 17.20 -17.68 12.77
CA ALA A 180 17.56 -16.68 11.79
C ALA A 180 17.07 -17.08 10.40
N THR A 181 17.18 -18.36 10.08
CA THR A 181 16.83 -18.81 8.74
C THR A 181 15.33 -18.77 8.51
N SER A 182 14.52 -18.93 9.57
CA SER A 182 13.09 -18.97 9.38
C SER A 182 12.48 -17.59 9.34
N THR A 183 12.94 -16.67 10.20
CA THR A 183 12.33 -15.34 10.25
C THR A 183 12.69 -14.49 9.04
N ALA A 184 13.81 -14.75 8.37
CA ALA A 184 14.23 -13.90 7.27
C ALA A 184 13.25 -13.88 6.10
N PRO A 185 12.76 -15.02 5.59
CA PRO A 185 11.74 -14.95 4.51
C PRO A 185 10.53 -14.08 4.84
N PHE A 186 10.08 -14.05 6.10
CA PHE A 186 8.95 -13.20 6.47
C PHE A 186 9.26 -11.72 6.23
N ILE A 187 10.43 -11.27 6.70
CA ILE A 187 10.75 -9.86 6.65
C ILE A 187 10.95 -9.36 5.22
N THR A 188 11.20 -10.23 4.25
CA THR A 188 11.28 -9.75 2.88
C THR A 188 9.96 -9.88 2.11
N HIS A 189 9.16 -10.92 2.39
CA HIS A 189 7.74 -10.87 2.07
C HIS A 189 7.21 -9.46 2.30
N GLU A 190 7.23 -9.04 3.57
CA GLU A 190 6.53 -7.83 3.99
C GLU A 190 7.17 -6.57 3.42
N THR A 191 8.48 -6.58 3.20
CA THR A 191 9.13 -5.41 2.60
C THR A 191 8.70 -5.24 1.15
N ALA A 192 8.68 -6.32 0.38
CA ALA A 192 8.15 -6.25 -0.97
C ALA A 192 6.69 -5.80 -0.95
N ARG A 193 5.89 -6.39 -0.04
CA ARG A 193 4.47 -6.08 0.04
C ARG A 193 4.27 -4.60 0.36
N ALA A 194 5.02 -4.10 1.35
CA ALA A 194 4.89 -2.70 1.73
C ALA A 194 5.21 -1.76 0.58
N ALA A 195 6.19 -2.11 -0.25
CA ALA A 195 6.53 -1.24 -1.38
C ALA A 195 5.38 -1.19 -2.39
N GLN A 196 4.73 -2.34 -2.63
CA GLN A 196 3.55 -2.35 -3.49
C GLN A 196 2.40 -1.56 -2.87
N SER A 197 2.28 -1.58 -1.56
CA SER A 197 1.22 -0.80 -0.93
C SER A 197 1.40 0.69 -1.20
N LEU A 198 2.64 1.17 -1.34
CA LEU A 198 2.87 2.57 -1.68
C LEU A 198 2.65 2.88 -3.14
N ASN A 199 2.50 1.87 -3.99
CA ASN A 199 2.19 2.07 -5.39
C ASN A 199 0.68 2.28 -5.51
N SER A 200 0.26 3.50 -5.15
CA SER A 200 -1.16 3.85 -5.07
C SER A 200 -1.33 5.30 -5.53
N PRO A 201 -1.10 5.56 -6.82
CA PRO A 201 -0.91 6.95 -7.28
C PRO A 201 -2.15 7.79 -7.14
N ALA A 202 -1.96 8.99 -6.60
CA ALA A 202 -3.04 9.96 -6.49
C ALA A 202 -3.44 10.47 -7.87
N PRO A 203 -4.71 10.79 -8.07
CA PRO A 203 -5.14 11.32 -9.37
C PRO A 203 -4.59 12.72 -9.60
N GLY A 204 -4.45 13.05 -10.88
CA GLY A 204 -3.97 14.36 -11.24
C GLY A 204 -2.45 14.40 -11.21
N GLY A 205 -1.92 15.60 -10.98
CA GLY A 205 -0.49 15.89 -11.08
C GLY A 205 0.21 15.39 -12.34
N PHE A 206 1.50 15.11 -12.23
CA PHE A 206 2.31 14.68 -13.37
C PHE A 206 3.06 13.39 -13.05
N LEU A 207 3.37 12.63 -14.08
CA LEU A 207 4.45 11.65 -14.06
C LEU A 207 5.52 12.16 -15.03
N ILE A 208 6.55 12.79 -14.48
CA ILE A 208 7.68 13.30 -15.25
C ILE A 208 8.68 12.17 -15.43
N VAL A 209 9.07 11.89 -16.68
CA VAL A 209 9.86 10.69 -16.99
C VAL A 209 11.04 11.04 -17.90
N SER A 210 12.22 10.54 -17.55
CA SER A 210 13.38 10.69 -18.41
C SER A 210 13.35 9.67 -19.54
N ASP A 211 13.55 10.13 -20.76
CA ASP A 211 13.59 9.22 -21.91
C ASP A 211 14.80 8.30 -21.85
N GLU A 212 15.94 8.82 -21.38
CA GLU A 212 17.17 8.03 -21.28
C GLU A 212 17.24 7.18 -20.01
N GLY A 213 16.22 7.17 -19.16
CA GLY A 213 16.31 6.38 -17.94
C GLY A 213 17.25 6.93 -16.89
N SER A 214 17.75 8.15 -17.08
CA SER A 214 18.54 8.83 -16.08
C SER A 214 17.71 9.17 -14.85
N ASP A 215 18.39 9.24 -13.70
CA ASP A 215 17.70 9.55 -12.46
C ASP A 215 17.47 11.06 -12.34
N PHE A 216 16.33 11.43 -11.74
CA PHE A 216 15.86 12.81 -11.67
C PHE A 216 16.20 13.47 -10.35
N VAL A 217 16.58 12.68 -9.37
CA VAL A 217 16.95 13.18 -8.09
C VAL A 217 18.46 13.21 -8.00
N ASP A 218 18.94 13.65 -6.87
CA ASP A 218 20.33 14.03 -6.74
C ASP A 218 20.91 13.42 -5.48
N GLN A 219 20.23 12.31 -5.00
CA GLN A 219 20.51 11.59 -3.78
C GLN A 219 21.68 10.63 -3.98
N PRO A 220 22.49 10.40 -2.94
CA PRO A 220 23.58 9.43 -3.06
C PRO A 220 23.00 8.02 -3.17
N TRP A 221 23.39 7.35 -4.23
CA TRP A 221 22.97 6.02 -4.48
C TRP A 221 23.36 5.17 -3.34
N PRO A 222 22.45 4.38 -2.85
CA PRO A 222 22.75 3.51 -1.74
C PRO A 222 23.74 2.50 -2.16
N SER A 223 24.69 2.19 -1.31
CA SER A 223 25.70 1.24 -1.61
C SER A 223 25.13 -0.13 -1.65
N ALA A 224 24.80 -0.66 -0.49
CA ALA A 224 24.24 -1.97 -0.48
C ALA A 224 22.88 -1.90 -1.13
N SER A 225 22.55 -2.84 -1.99
CA SER A 225 21.25 -2.82 -2.61
C SER A 225 20.27 -3.31 -1.59
N LEU A 226 19.03 -2.89 -1.69
CA LEU A 226 18.06 -3.18 -0.63
C LEU A 226 17.83 -4.68 -0.45
N TYR A 227 17.52 -5.39 -1.53
CA TYR A 227 17.27 -6.83 -1.39
C TYR A 227 18.52 -7.55 -0.91
N ASP A 228 19.67 -6.89 -0.92
CA ASP A 228 20.90 -7.54 -0.52
C ASP A 228 21.33 -7.19 0.89
N TYR A 229 20.56 -6.40 1.61
CA TYR A 229 20.80 -6.12 3.02
C TYR A 229 20.63 -7.40 3.83
N PRO A 230 21.08 -7.46 5.09
CA PRO A 230 20.77 -8.62 5.97
C PRO A 230 19.29 -8.72 6.25
N PRO A 231 18.82 -9.85 6.82
CA PRO A 231 17.38 -9.95 7.21
C PRO A 231 16.78 -8.97 8.17
N GLN A 232 17.26 -8.94 9.42
CA GLN A 232 16.76 -8.00 10.44
C GLN A 232 17.17 -6.50 10.19
N GLU A 233 17.79 -6.17 9.10
CA GLU A 233 17.97 -4.85 8.54
C GLU A 233 17.14 -4.36 7.36
N GLN A 234 16.36 -5.25 6.75
CA GLN A 234 15.65 -4.95 5.51
C GLN A 234 14.44 -4.03 5.75
N TRP A 235 13.67 -4.30 6.81
CA TRP A 235 12.52 -3.45 7.11
C TRP A 235 12.96 -2.00 7.30
N ASN A 236 13.94 -1.77 8.17
CA ASN A 236 14.34 -0.41 8.50
C ASN A 236 14.98 0.32 7.32
N ALA A 237 15.75 -0.39 6.49
CA ALA A 237 16.36 0.30 5.34
C ALA A 237 15.29 0.74 4.34
N PHE A 238 14.23 -0.01 4.27
CA PHE A 238 13.20 0.33 3.37
C PHE A 238 12.52 1.55 3.81
N GLN A 239 12.34 1.66 5.08
CA GLN A 239 11.69 2.79 5.62
C GLN A 239 12.42 4.06 5.37
N LYS A 240 13.73 4.05 5.48
CA LYS A 240 14.48 5.23 5.23
C LYS A 240 14.46 5.48 3.77
N LEU A 241 14.48 4.46 2.95
CA LEU A 241 14.43 4.68 1.51
C LEU A 241 13.13 5.36 1.15
N ALA A 242 12.03 4.78 1.64
CA ALA A 242 10.69 5.28 1.34
C ALA A 242 10.48 6.68 1.90
N GLN A 243 10.94 6.94 3.13
CA GLN A 243 10.70 8.27 3.72
C GLN A 243 11.46 9.37 3.01
N MET A 244 12.66 9.08 2.51
CA MET A 244 13.34 10.12 1.77
C MET A 244 12.81 10.24 0.35
N LEU A 245 12.54 9.14 -0.30
CA LEU A 245 12.11 9.17 -1.66
C LEU A 245 10.67 9.49 -1.93
N MET A 246 9.85 9.65 -0.93
CA MET A 246 8.49 10.03 -1.16
C MET A 246 8.32 11.49 -0.91
N HIS A 247 9.41 12.20 -0.78
CA HIS A 247 9.39 13.60 -0.49
C HIS A 247 10.72 14.17 -0.88
N THR A 248 11.30 13.72 -1.96
CA THR A 248 12.64 14.17 -2.26
C THR A 248 12.63 15.41 -3.14
N PRO A 249 13.64 16.28 -3.03
CA PRO A 249 13.83 17.31 -4.05
C PRO A 249 14.11 16.66 -5.39
N PHE A 250 13.76 17.34 -6.47
CA PHE A 250 14.04 16.81 -7.79
C PHE A 250 14.10 17.95 -8.79
N ASN A 251 14.74 17.69 -9.93
CA ASN A 251 14.65 18.60 -11.05
C ASN A 251 14.79 17.83 -12.35
N ALA A 252 14.31 18.44 -13.42
CA ALA A 252 14.26 17.82 -14.74
C ALA A 252 14.28 18.94 -15.76
N GLU A 253 15.21 18.81 -16.71
CA GLU A 253 15.27 19.67 -17.87
C GLU A 253 15.13 18.79 -19.11
N GLY A 254 14.65 19.37 -20.20
CA GLY A 254 14.69 18.69 -21.47
C GLY A 254 13.60 19.14 -22.42
N ILE A 255 13.53 18.44 -23.55
CA ILE A 255 12.58 18.70 -24.63
C ILE A 255 11.47 17.67 -24.50
N VAL A 256 10.22 18.13 -24.41
CA VAL A 256 9.08 17.23 -24.28
C VAL A 256 8.96 16.41 -25.55
N THR A 257 9.10 15.07 -25.44
CA THR A 257 8.91 14.20 -26.60
C THR A 257 7.54 13.54 -26.65
N LYS A 258 6.85 13.43 -25.51
CA LYS A 258 5.52 12.85 -25.46
C LYS A 258 4.76 13.56 -24.35
N ILE A 259 3.45 13.65 -24.52
CA ILE A 259 2.63 14.29 -23.50
C ILE A 259 1.21 13.77 -23.65
N PHE A 260 0.70 13.10 -22.61
CA PHE A 260 -0.67 12.63 -22.62
C PHE A 260 -1.20 12.62 -21.21
N THR A 261 -2.51 12.42 -21.10
CA THR A 261 -3.24 12.47 -19.84
C THR A 261 -3.94 11.15 -19.59
N ASP A 262 -3.82 10.69 -18.35
CA ASP A 262 -4.26 9.40 -17.82
C ASP A 262 -5.78 9.26 -17.75
N ALA A 263 -6.24 8.01 -17.72
CA ALA A 263 -7.56 7.77 -17.17
C ALA A 263 -7.68 8.31 -15.75
N ASN A 264 -6.57 8.37 -15.02
CA ASN A 264 -6.52 8.87 -13.64
C ASN A 264 -6.27 10.37 -13.57
N GLY A 265 -6.30 11.08 -14.69
CA GLY A 265 -6.11 12.51 -14.69
C GLY A 265 -4.68 12.98 -14.70
N THR A 266 -3.71 12.05 -14.59
CA THR A 266 -2.30 12.38 -14.48
C THR A 266 -1.67 12.60 -15.87
N GLN A 267 -0.83 13.63 -15.98
CA GLN A 267 -0.19 13.95 -17.25
C GLN A 267 1.21 13.35 -17.29
N HIS A 268 1.44 12.43 -18.23
CA HIS A 268 2.74 11.81 -18.40
C HIS A 268 3.59 12.60 -19.38
N ILE A 269 4.79 13.01 -18.96
CA ILE A 269 5.71 13.77 -19.81
C ILE A 269 7.02 13.00 -19.90
N GLY A 270 7.44 12.67 -21.12
CA GLY A 270 8.76 12.11 -21.37
C GLY A 270 9.66 13.24 -21.82
N LEU A 271 10.83 13.34 -21.20
CA LEU A 271 11.78 14.42 -21.48
C LEU A 271 13.08 13.85 -22.06
N HIS A 272 13.56 14.48 -23.15
CA HIS A 272 14.89 14.28 -23.72
C HIS A 272 15.67 15.58 -23.64
N PRO A 273 16.99 15.54 -23.32
CA PRO A 273 17.81 16.76 -23.46
C PRO A 273 18.70 16.78 -24.72
N SER B 1 -17.04 13.49 42.63
CA SER B 1 -15.61 13.22 42.82
C SER B 1 -14.77 13.61 41.59
N ALA B 2 -15.02 12.97 40.43
CA ALA B 2 -14.40 13.26 39.13
C ALA B 2 -12.94 12.79 39.03
N GLN B 3 -12.34 12.89 37.84
CA GLN B 3 -10.96 12.48 37.61
C GLN B 3 -10.48 12.97 36.25
N THR B 4 -9.18 12.81 35.99
CA THR B 4 -8.56 13.01 34.68
C THR B 4 -7.80 11.74 34.30
N ILE B 5 -7.94 11.32 33.05
CA ILE B 5 -7.52 10.01 32.60
C ILE B 5 -6.62 10.17 31.37
N GLU B 6 -5.34 9.84 31.51
CA GLU B 6 -4.44 9.71 30.38
C GLU B 6 -4.52 8.28 29.88
N ALA B 7 -4.68 8.10 28.56
CA ALA B 7 -4.62 6.76 28.01
C ALA B 7 -4.08 6.79 26.58
N THR B 8 -3.23 5.81 26.26
CA THR B 8 -2.65 5.65 24.93
C THR B 8 -2.91 4.27 24.33
N SER B 9 -3.48 3.34 25.09
CA SER B 9 -3.95 2.06 24.57
C SER B 9 -5.44 1.93 24.90
N VAL B 10 -6.10 1.00 24.20
CA VAL B 10 -7.52 0.75 24.47
C VAL B 10 -7.70 0.14 25.85
N LYS B 11 -6.83 -0.82 26.21
CA LYS B 11 -6.87 -1.40 27.54
C LYS B 11 -6.79 -0.32 28.61
N GLN B 12 -5.85 0.61 28.46
CA GLN B 12 -5.72 1.69 29.45
C GLN B 12 -7.06 2.39 29.69
N LEU B 13 -7.78 2.74 28.61
CA LEU B 13 -9.03 3.49 28.80
C LEU B 13 -10.17 2.61 29.30
N ALA B 14 -10.29 1.38 28.80
CA ALA B 14 -11.41 0.53 29.17
C ALA B 14 -11.41 0.23 30.68
N ASP B 15 -10.25 0.27 31.32
CA ASP B 15 -10.15 -0.01 32.75
C ASP B 15 -10.30 1.21 33.63
N ALA B 16 -10.58 2.38 33.07
CA ALA B 16 -10.55 3.61 33.85
C ALA B 16 -11.94 4.11 34.25
N GLY B 17 -13.00 3.39 33.87
CA GLY B 17 -14.33 3.75 34.33
C GLY B 17 -14.70 5.19 34.04
N VAL B 18 -14.44 5.59 32.79
CA VAL B 18 -14.83 6.91 32.32
C VAL B 18 -16.33 7.08 32.50
N ARG B 19 -16.73 8.20 33.10
CA ARG B 19 -18.14 8.57 33.15
C ARG B 19 -18.26 10.06 32.93
N VAL B 20 -19.51 10.52 32.83
CA VAL B 20 -19.79 11.90 32.49
C VAL B 20 -19.11 12.83 33.48
N GLY B 21 -18.42 13.85 32.95
CA GLY B 21 -17.76 14.85 33.78
C GLY B 21 -16.26 14.68 33.94
N ASP B 22 -15.72 13.49 33.67
CA ASP B 22 -14.29 13.29 33.73
C ASP B 22 -13.57 13.91 32.52
N THR B 23 -12.25 14.03 32.64
CA THR B 23 -11.40 14.64 31.61
C THR B 23 -10.50 13.58 31.01
N LEU B 24 -10.54 13.43 29.69
CA LEU B 24 -9.68 12.47 29.04
C LEU B 24 -8.64 13.19 28.21
N ARG B 25 -7.40 12.69 28.32
CA ARG B 25 -6.32 12.93 27.37
C ARG B 25 -6.11 11.59 26.67
N ILE B 26 -6.71 11.46 25.50
CA ILE B 26 -6.66 10.25 24.71
C ILE B 26 -5.67 10.43 23.55
N SER B 27 -4.94 9.36 23.22
CA SER B 27 -4.07 9.42 22.06
C SER B 27 -3.79 7.99 21.61
N GLY B 28 -3.54 7.85 20.33
CA GLY B 28 -3.27 6.57 19.74
C GLY B 28 -3.62 6.59 18.29
N THR B 29 -3.95 5.43 17.77
CA THR B 29 -4.24 5.24 16.40
C THR B 29 -5.52 4.48 16.18
N GLY B 30 -6.32 4.93 15.24
CA GLY B 30 -7.57 4.27 14.95
C GLY B 30 -8.11 4.57 13.59
N MET B 31 -9.37 4.28 13.36
CA MET B 31 -9.99 4.50 12.07
C MET B 31 -10.98 5.66 12.17
N CYS B 32 -10.96 6.53 11.17
CA CYS B 32 -12.00 7.53 11.15
C CYS B 32 -13.35 6.88 10.79
N ASN B 33 -14.41 7.41 11.39
CA ASN B 33 -15.73 6.81 11.27
C ASN B 33 -16.41 7.17 9.93
N ILE B 34 -17.16 6.22 9.40
CA ILE B 34 -17.89 6.38 8.16
C ILE B 34 -19.38 6.48 8.48
N ARG B 35 -20.01 7.57 8.02
CA ARG B 35 -21.39 7.95 8.39
C ARG B 35 -21.60 8.06 9.89
N ASN B 45 -21.21 18.61 5.52
CA ASN B 45 -19.89 19.01 5.04
C ASN B 45 -18.77 18.59 6.00
N SER B 46 -17.81 17.83 5.48
CA SER B 46 -16.71 17.23 6.22
C SER B 46 -15.56 16.98 5.23
N PRO B 47 -14.35 17.46 5.54
CA PRO B 47 -13.30 17.51 4.50
C PRO B 47 -12.86 16.14 3.98
N PHE B 48 -13.06 15.14 4.78
CA PHE B 48 -12.59 13.84 4.48
C PHE B 48 -13.67 12.92 4.13
N LEU B 49 -14.77 13.44 3.67
CA LEU B 49 -15.89 12.61 3.34
C LEU B 49 -15.57 11.56 2.36
N PRO B 50 -15.96 10.32 2.62
CA PRO B 50 -16.99 9.77 3.48
C PRO B 50 -16.59 9.57 4.93
N PHE B 51 -15.32 9.58 5.22
CA PHE B 51 -14.88 9.50 6.61
C PHE B 51 -15.24 10.77 7.37
N ASP B 52 -15.65 10.62 8.63
CA ASP B 52 -15.76 11.74 9.55
C ASP B 52 -14.64 11.57 10.57
N CYS B 53 -13.62 12.41 10.48
CA CYS B 53 -12.49 12.27 11.40
C CYS B 53 -12.71 13.02 12.71
N SER B 54 -13.91 13.56 12.93
CA SER B 54 -14.27 14.01 14.26
C SER B 54 -14.81 12.87 15.12
N GLN B 55 -14.79 11.63 14.62
CA GLN B 55 -15.25 10.45 15.35
C GLN B 55 -14.33 9.29 15.02
N ILE B 56 -13.61 8.79 16.02
CA ILE B 56 -12.59 7.76 15.84
C ILE B 56 -13.11 6.43 16.39
N ILE B 57 -13.13 5.42 15.52
CA ILE B 57 -13.21 4.04 15.99
C ILE B 57 -11.86 3.69 16.58
N TRP B 58 -11.87 3.34 17.86
CA TRP B 58 -10.64 2.98 18.58
C TRP B 58 -10.84 1.63 19.25
N ASN B 59 -10.15 0.61 18.74
CA ASN B 59 -10.28 -0.75 19.25
C ASN B 59 -9.05 -1.49 18.78
N ASP B 60 -8.69 -2.56 19.49
CA ASP B 60 -7.46 -3.26 19.20
C ASP B 60 -7.65 -4.44 18.25
N ALA B 61 -8.89 -4.77 17.89
CA ALA B 61 -9.15 -5.68 16.79
C ALA B 61 -8.42 -5.21 15.54
N ARG B 62 -7.86 -6.17 14.80
CA ARG B 62 -6.86 -5.81 13.82
C ARG B 62 -7.51 -5.19 12.57
N SER B 63 -6.64 -4.58 11.76
CA SER B 63 -7.03 -3.75 10.62
C SER B 63 -8.21 -4.33 9.85
N LEU B 64 -9.17 -3.47 9.55
CA LEU B 64 -10.01 -3.74 8.41
C LEU B 64 -9.15 -3.59 7.16
N PRO B 65 -9.12 -4.56 6.26
CA PRO B 65 -8.25 -4.46 5.08
C PRO B 65 -8.81 -3.47 4.04
N LEU B 66 -7.94 -3.13 3.10
CA LEU B 66 -8.30 -2.18 2.03
C LEU B 66 -9.32 -2.79 1.09
N PRO B 67 -10.40 -2.09 0.79
CA PRO B 67 -11.47 -2.69 0.00
C PRO B 67 -11.06 -2.98 -1.44
N GLU B 68 -11.77 -3.92 -2.03
CA GLU B 68 -11.48 -4.43 -3.37
C GLU B 68 -12.77 -4.57 -4.15
N SER B 69 -12.62 -4.71 -5.46
CA SER B 69 -13.75 -4.85 -6.37
C SER B 69 -13.21 -5.20 -7.75
N GLU B 70 -13.21 -6.48 -8.13
CA GLU B 70 -12.76 -6.80 -9.47
C GLU B 70 -13.68 -6.25 -10.55
N LEU B 71 -14.84 -5.72 -10.19
CA LEU B 71 -15.53 -4.80 -11.08
C LEU B 71 -14.62 -3.64 -11.44
N VAL B 72 -13.96 -3.04 -10.45
CA VAL B 72 -12.99 -2.00 -10.72
C VAL B 72 -11.73 -2.55 -11.41
N ASN B 73 -11.32 -3.76 -11.07
CA ASN B 73 -10.13 -4.32 -11.70
C ASN B 73 -10.35 -4.56 -13.18
N LYS B 74 -11.56 -4.95 -13.56
CA LYS B 74 -11.89 -5.06 -14.96
C LYS B 74 -11.77 -3.68 -15.63
N ALA B 75 -12.35 -2.67 -15.01
CA ALA B 75 -12.30 -1.32 -15.57
C ALA B 75 -10.88 -0.80 -15.68
N THR B 76 -10.06 -1.01 -14.66
CA THR B 76 -8.69 -0.53 -14.81
C THR B 76 -7.87 -1.39 -15.76
N ALA B 77 -8.33 -2.61 -16.06
CA ALA B 77 -7.60 -3.47 -17.00
C ALA B 77 -7.88 -3.07 -18.44
N LEU B 78 -9.14 -2.73 -18.74
CA LEU B 78 -9.43 -2.16 -20.04
C LEU B 78 -8.67 -0.85 -20.23
N THR B 79 -8.67 0.02 -19.22
CA THR B 79 -8.03 1.32 -19.35
C THR B 79 -6.52 1.18 -19.53
N GLU B 80 -5.87 0.23 -18.83
CA GLU B 80 -4.42 0.12 -19.00
C GLU B 80 -4.03 -0.68 -20.24
N ALA B 81 -4.88 -1.62 -20.69
CA ALA B 81 -4.65 -2.26 -21.98
C ALA B 81 -4.70 -1.23 -23.10
N VAL B 82 -5.56 -0.22 -22.98
CA VAL B 82 -5.63 0.80 -24.03
C VAL B 82 -4.42 1.73 -23.94
N ASN B 83 -4.08 2.15 -22.71
CA ASN B 83 -2.90 3.00 -22.53
C ASN B 83 -1.60 2.31 -22.96
N ARG B 84 -1.42 1.01 -22.65
CA ARG B 84 -0.19 0.32 -23.03
C ARG B 84 -0.01 0.23 -24.55
N GLN B 85 -1.11 0.18 -25.31
CA GLN B 85 -1.04 0.06 -26.77
C GLN B 85 -0.90 1.42 -27.44
N LEU B 86 -1.69 2.40 -27.01
CA LEU B 86 -1.63 3.75 -27.58
C LEU B 86 -0.41 4.53 -27.11
N HIS B 87 0.16 4.16 -25.96
CA HIS B 87 1.27 4.89 -25.34
C HIS B 87 2.30 3.89 -24.83
N PRO B 88 2.97 3.19 -25.74
CA PRO B 88 3.94 2.18 -25.32
C PRO B 88 5.21 2.84 -24.80
N LYS B 89 5.53 2.57 -23.54
CA LYS B 89 6.79 3.01 -22.97
C LYS B 89 7.94 2.27 -23.67
N PRO B 90 9.17 2.81 -23.60
CA PRO B 90 10.32 2.07 -24.17
C PRO B 90 10.59 0.74 -23.48
N GLU B 91 10.45 0.68 -22.16
CA GLU B 91 10.66 -0.55 -21.39
C GLU B 91 9.48 -1.52 -21.50
N ASP B 92 8.40 -1.12 -22.15
CA ASP B 92 7.30 -2.05 -22.40
C ASP B 92 7.76 -3.15 -23.36
N GLU B 93 7.00 -4.24 -23.35
CA GLU B 93 7.25 -5.35 -24.25
C GLU B 93 6.39 -5.19 -25.49
N SER B 94 7.04 -5.14 -26.65
CA SER B 94 6.38 -4.81 -27.90
C SER B 94 6.49 -5.97 -28.88
N ARG B 95 5.35 -6.39 -29.41
CA ARG B 95 5.31 -7.32 -30.51
C ARG B 95 5.65 -6.67 -31.86
N VAL B 96 6.04 -5.39 -31.84
CA VAL B 96 6.32 -4.66 -33.07
C VAL B 96 7.71 -4.05 -32.96
N SER B 97 8.48 -4.13 -34.05
CA SER B 97 9.84 -3.62 -34.09
C SER B 97 9.90 -2.17 -33.63
N ALA B 98 11.08 -1.77 -33.15
CA ALA B 98 11.25 -0.38 -32.75
C ALA B 98 11.56 0.55 -33.93
N SER B 99 12.11 0.05 -35.05
CA SER B 99 12.26 0.88 -36.24
C SER B 99 10.97 0.93 -37.06
N LEU B 100 9.94 0.20 -36.63
CA LEU B 100 8.58 0.31 -37.17
C LEU B 100 7.74 1.29 -36.39
N ARG B 101 7.67 1.12 -35.06
CA ARG B 101 7.09 2.16 -34.20
C ARG B 101 7.74 3.51 -34.45
N SER B 102 9.05 3.51 -34.73
CA SER B 102 9.73 4.69 -35.21
C SER B 102 8.94 5.32 -36.37
N ALA B 103 8.63 4.51 -37.37
CA ALA B 103 8.04 5.03 -38.60
C ALA B 103 6.57 5.37 -38.40
N ILE B 104 5.81 4.50 -37.74
CA ILE B 104 4.43 4.85 -37.41
C ILE B 104 4.37 6.16 -36.65
N GLN B 105 5.38 6.46 -35.84
CA GLN B 105 5.42 7.73 -35.12
C GLN B 105 5.62 8.90 -36.07
N LYS B 106 6.69 8.86 -36.88
CA LYS B 106 7.01 10.00 -37.74
C LYS B 106 5.90 10.27 -38.77
N SER B 107 5.20 9.23 -39.21
CA SER B 107 4.05 9.42 -40.11
C SER B 107 2.94 10.25 -39.48
N GLY B 108 2.89 10.35 -38.16
CA GLY B 108 1.79 11.04 -37.50
C GLY B 108 0.63 10.15 -37.14
N MET B 109 0.88 8.88 -36.81
CA MET B 109 -0.15 7.88 -36.59
C MET B 109 0.11 7.16 -35.28
N VAL B 110 -0.89 6.42 -34.83
CA VAL B 110 -0.77 5.58 -33.66
C VAL B 110 -1.22 4.19 -34.07
N LEU B 111 -0.68 3.21 -33.37
CA LEU B 111 -0.88 1.80 -33.67
C LEU B 111 -1.51 1.13 -32.45
N LEU B 112 -2.52 0.31 -32.69
CA LEU B 112 -3.05 -0.60 -31.68
C LEU B 112 -2.32 -1.91 -31.89
N ASP B 113 -1.35 -2.18 -31.03
CA ASP B 113 -0.57 -3.42 -31.07
C ASP B 113 -1.48 -4.65 -31.17
N ASP B 114 -2.51 -4.71 -30.33
CA ASP B 114 -3.28 -5.93 -30.07
C ASP B 114 -4.74 -5.55 -29.95
N PHE B 115 -5.49 -5.71 -31.04
CA PHE B 115 -6.86 -5.20 -31.06
C PHE B 115 -7.82 -6.10 -30.28
N GLY B 116 -7.68 -7.42 -30.40
CA GLY B 116 -8.63 -8.28 -29.73
C GLY B 116 -8.48 -8.27 -28.23
N ASP B 117 -7.29 -7.88 -27.76
CA ASP B 117 -7.10 -7.57 -26.35
C ASP B 117 -8.13 -6.53 -25.88
N ILE B 118 -8.28 -5.45 -26.65
CA ILE B 118 -9.22 -4.38 -26.30
C ILE B 118 -10.66 -4.88 -26.31
N VAL B 119 -11.00 -5.75 -27.26
CA VAL B 119 -12.38 -6.18 -27.40
C VAL B 119 -12.80 -7.06 -26.23
N LEU B 120 -11.97 -8.05 -25.89
CA LEU B 120 -12.32 -8.99 -24.83
C LEU B 120 -12.42 -8.27 -23.49
N LYS B 121 -11.43 -7.41 -23.18
CA LYS B 121 -11.49 -6.66 -21.93
C LYS B 121 -12.73 -5.76 -21.88
N THR B 122 -13.19 -5.29 -23.03
CA THR B 122 -14.43 -4.53 -23.03
C THR B 122 -15.64 -5.43 -22.83
N ALA B 123 -15.56 -6.69 -23.27
CA ALA B 123 -16.74 -7.53 -23.25
C ALA B 123 -17.02 -8.09 -21.86
N ASP B 124 -15.99 -8.37 -21.06
CA ASP B 124 -16.28 -8.85 -19.71
C ASP B 124 -16.49 -7.71 -18.71
N LEU B 125 -16.36 -6.46 -19.13
CA LEU B 125 -16.75 -5.31 -18.31
C LEU B 125 -18.14 -4.81 -18.65
N CYS B 126 -18.52 -4.86 -19.93
CA CYS B 126 -19.85 -4.49 -20.38
C CYS B 126 -20.52 -5.74 -20.92
N SER B 127 -20.81 -6.70 -20.02
CA SER B 127 -21.38 -7.97 -20.44
C SER B 127 -22.87 -7.86 -20.76
N ALA B 128 -23.62 -7.04 -20.02
CA ALA B 128 -25.01 -6.79 -20.36
C ALA B 128 -25.09 -6.08 -21.70
N LYS B 129 -26.24 -6.21 -22.36
CA LYS B 129 -26.35 -5.65 -23.70
C LYS B 129 -26.52 -4.13 -23.71
N ASP B 130 -27.00 -3.54 -22.62
CA ASP B 130 -27.17 -2.09 -22.59
C ASP B 130 -25.93 -1.36 -22.08
N ASP B 131 -24.94 -2.08 -21.55
CA ASP B 131 -23.72 -1.45 -21.03
C ASP B 131 -22.80 -0.97 -22.18
N CYS B 132 -22.29 0.26 -22.06
CA CYS B 132 -21.25 0.80 -22.94
C CYS B 132 -21.57 0.59 -24.41
N VAL B 133 -22.81 0.89 -24.81
CA VAL B 133 -23.17 0.61 -26.19
C VAL B 133 -22.45 1.54 -27.17
N ARG B 134 -22.05 2.75 -26.74
CA ARG B 134 -21.28 3.63 -27.63
C ARG B 134 -19.87 3.09 -27.86
N LEU B 135 -19.11 2.83 -26.78
CA LEU B 135 -17.76 2.28 -26.90
C LEU B 135 -17.75 0.98 -27.72
N LYS B 136 -18.79 0.16 -27.58
CA LYS B 136 -18.88 -1.06 -28.37
C LYS B 136 -18.91 -0.77 -29.88
N ASN B 137 -19.68 0.24 -30.29
CA ASN B 137 -19.81 0.49 -31.74
C ASN B 137 -18.55 1.16 -32.31
N ALA B 138 -17.92 2.05 -31.55
CA ALA B 138 -16.68 2.67 -31.96
C ALA B 138 -15.62 1.64 -32.33
N LEU B 139 -15.60 0.51 -31.63
CA LEU B 139 -14.66 -0.55 -31.95
C LEU B 139 -15.06 -1.35 -33.20
N VAL B 140 -16.36 -1.49 -33.48
CA VAL B 140 -16.71 -2.26 -34.68
C VAL B 140 -16.33 -1.48 -35.92
N ASN B 141 -16.30 -0.15 -35.82
CA ASN B 141 -15.88 0.70 -36.94
C ASN B 141 -14.43 0.45 -37.28
N LEU B 142 -13.57 0.33 -36.27
CA LEU B 142 -12.19 -0.04 -36.49
C LEU B 142 -12.07 -1.48 -36.95
N GLY B 143 -13.09 -2.29 -36.70
CA GLY B 143 -12.93 -3.72 -36.58
C GLY B 143 -13.48 -4.63 -37.65
N ASN B 144 -14.06 -4.11 -38.73
CA ASN B 144 -14.33 -4.93 -39.91
C ASN B 144 -15.24 -6.13 -39.57
N SER B 145 -16.36 -5.86 -38.92
CA SER B 145 -17.39 -6.88 -38.74
C SER B 145 -18.72 -6.18 -38.59
N LYS B 146 -19.80 -6.88 -38.94
CA LYS B 146 -21.09 -6.23 -39.13
C LYS B 146 -21.63 -5.67 -37.82
N ASP B 147 -21.76 -6.52 -36.81
CA ASP B 147 -22.29 -6.12 -35.51
C ASP B 147 -21.20 -6.28 -34.45
N TRP B 148 -21.60 -6.06 -33.20
CA TRP B 148 -20.69 -6.16 -32.06
C TRP B 148 -20.42 -7.61 -31.68
N ASP B 149 -21.47 -8.42 -31.62
CA ASP B 149 -21.34 -9.79 -31.15
C ASP B 149 -20.69 -10.71 -32.16
N ALA B 150 -20.71 -10.36 -33.45
CA ALA B 150 -19.92 -11.12 -34.43
C ALA B 150 -18.44 -10.81 -34.25
N LEU B 151 -18.12 -9.54 -34.00
CA LEU B 151 -16.78 -9.16 -33.60
C LEU B 151 -16.33 -9.91 -32.35
N VAL B 152 -17.22 -10.03 -31.36
CA VAL B 152 -16.86 -10.81 -30.17
C VAL B 152 -16.94 -12.31 -30.43
N LYS B 153 -17.90 -12.77 -31.26
CA LYS B 153 -17.89 -14.17 -31.69
C LYS B 153 -16.56 -14.51 -32.35
N ARG B 154 -15.93 -13.52 -32.97
CA ARG B 154 -14.65 -13.68 -33.62
C ARG B 154 -13.47 -13.46 -32.66
N ALA B 155 -13.58 -12.51 -31.72
CA ALA B 155 -12.53 -12.35 -30.72
C ALA B 155 -12.45 -13.54 -29.78
N ASN B 156 -13.61 -14.11 -29.43
CA ASN B 156 -13.66 -15.33 -28.62
C ASN B 156 -12.94 -16.48 -29.30
N ALA B 157 -13.15 -16.64 -30.61
CA ALA B 157 -12.54 -17.71 -31.38
C ALA B 157 -11.08 -17.45 -31.70
N GLY B 158 -10.44 -16.50 -31.00
CA GLY B 158 -9.03 -16.19 -31.18
C GLY B 158 -8.65 -15.57 -32.51
N LYS B 159 -9.60 -15.37 -33.43
CA LYS B 159 -9.31 -14.81 -34.75
C LYS B 159 -9.12 -13.30 -34.68
N LEU B 160 -8.85 -12.76 -33.50
CA LEU B 160 -8.63 -11.34 -33.30
C LEU B 160 -7.53 -11.18 -32.26
N ASP B 161 -6.30 -11.51 -32.63
CA ASP B 161 -5.17 -11.31 -31.71
C ASP B 161 -3.96 -10.93 -32.55
N GLY B 162 -3.15 -10.03 -31.97
CA GLY B 162 -2.09 -9.40 -32.73
C GLY B 162 -2.60 -8.71 -33.96
N VAL B 163 -3.85 -8.28 -33.96
CA VAL B 163 -4.42 -7.58 -35.10
C VAL B 163 -4.14 -6.11 -34.93
N ASN B 164 -3.48 -5.52 -35.92
CA ASN B 164 -3.06 -4.14 -35.83
C ASN B 164 -4.11 -3.23 -36.46
N VAL B 165 -4.24 -2.03 -35.89
CA VAL B 165 -5.11 -0.99 -36.42
C VAL B 165 -4.34 0.32 -36.37
N LEU B 166 -4.32 1.06 -37.48
CA LEU B 166 -3.70 2.37 -37.49
C LEU B 166 -4.76 3.47 -37.38
N LEU B 167 -4.47 4.47 -36.56
CA LEU B 167 -5.43 5.53 -36.30
C LEU B 167 -4.73 6.88 -36.37
N ARG B 168 -5.46 7.90 -36.85
CA ARG B 168 -5.04 9.27 -36.62
C ARG B 168 -4.93 9.51 -35.11
N PRO B 169 -4.05 10.42 -34.69
CA PRO B 169 -3.99 10.78 -33.26
C PRO B 169 -5.29 11.34 -32.72
N VAL B 170 -5.98 12.17 -33.49
CA VAL B 170 -7.25 12.71 -33.02
C VAL B 170 -8.22 11.56 -32.76
N SER B 171 -8.24 10.58 -33.66
CA SER B 171 -9.20 9.49 -33.53
C SER B 171 -8.85 8.56 -32.35
N ALA B 172 -7.57 8.43 -32.01
CA ALA B 172 -7.19 7.59 -30.88
C ALA B 172 -7.48 8.27 -29.55
N GLU B 173 -7.21 9.57 -29.45
CA GLU B 173 -7.63 10.33 -28.28
C GLU B 173 -9.13 10.20 -28.08
N SER B 174 -9.91 10.36 -29.16
CA SER B 174 -11.35 10.16 -29.04
C SER B 174 -11.65 8.78 -28.48
N LEU B 175 -11.03 7.72 -29.01
CA LEU B 175 -11.28 6.38 -28.47
C LEU B 175 -10.87 6.28 -27.00
N ASP B 176 -9.64 6.68 -26.69
CA ASP B 176 -9.15 6.82 -25.32
C ASP B 176 -10.21 7.36 -24.38
N ASN B 177 -10.57 8.60 -24.57
CA ASN B 177 -11.52 9.30 -23.73
C ASN B 177 -12.89 8.70 -23.62
N LEU B 178 -13.27 7.95 -24.60
CA LEU B 178 -14.53 7.30 -24.56
C LEU B 178 -14.41 6.07 -23.76
N VAL B 179 -13.24 5.49 -23.69
CA VAL B 179 -13.07 4.34 -22.88
C VAL B 179 -13.12 4.81 -21.47
N ALA B 180 -12.36 5.82 -21.11
CA ALA B 180 -12.34 6.35 -19.77
C ALA B 180 -13.69 6.77 -19.25
N THR B 181 -14.47 7.40 -20.10
CA THR B 181 -15.78 7.85 -19.76
C THR B 181 -16.76 6.75 -19.54
N SER B 182 -16.58 5.65 -20.19
CA SER B 182 -17.50 4.57 -20.01
C SER B 182 -17.17 3.74 -18.81
N THR B 183 -16.04 3.95 -18.20
CA THR B 183 -15.71 3.20 -17.04
C THR B 183 -16.17 3.93 -15.81
N ALA B 184 -16.31 5.23 -15.93
CA ALA B 184 -16.66 6.06 -14.81
C ALA B 184 -17.82 5.67 -13.97
N PRO B 185 -18.87 5.20 -14.56
CA PRO B 185 -20.02 4.81 -13.77
C PRO B 185 -19.75 3.61 -12.97
N PHE B 186 -19.02 2.67 -13.51
CA PHE B 186 -18.76 1.48 -12.78
C PHE B 186 -17.87 1.77 -11.64
N ILE B 187 -16.89 2.60 -11.88
CA ILE B 187 -15.90 2.94 -10.88
C ILE B 187 -16.55 3.63 -9.71
N THR B 188 -17.63 4.36 -9.98
CA THR B 188 -18.22 5.17 -8.93
C THR B 188 -19.24 4.41 -8.08
N HIS B 189 -20.05 3.53 -8.70
CA HIS B 189 -20.86 2.59 -7.92
C HIS B 189 -19.98 1.84 -6.92
N GLU B 190 -18.86 1.30 -7.42
CA GLU B 190 -17.96 0.49 -6.61
C GLU B 190 -17.27 1.31 -5.50
N THR B 191 -17.01 2.60 -5.75
CA THR B 191 -16.40 3.40 -4.67
C THR B 191 -17.41 3.75 -3.59
N ALA B 192 -18.64 4.10 -3.97
CA ALA B 192 -19.71 4.32 -2.98
C ALA B 192 -19.98 3.05 -2.15
N ARG B 193 -19.89 1.88 -2.78
CA ARG B 193 -20.17 0.63 -2.09
C ARG B 193 -19.00 0.14 -1.24
N ALA B 194 -17.76 0.29 -1.71
CA ALA B 194 -16.63 -0.01 -0.82
C ALA B 194 -16.66 0.90 0.38
N ALA B 195 -17.08 2.15 0.20
CA ALA B 195 -17.15 3.07 1.32
C ALA B 195 -18.16 2.61 2.37
N GLN B 196 -19.27 1.99 1.96
CA GLN B 196 -20.21 1.53 2.97
C GLN B 196 -19.90 0.13 3.45
N SER B 197 -19.19 -0.67 2.66
CA SER B 197 -18.73 -1.96 3.17
C SER B 197 -17.78 -1.77 4.35
N LEU B 198 -17.15 -0.61 4.45
CA LEU B 198 -16.26 -0.33 5.58
C LEU B 198 -17.04 0.02 6.85
N ASN B 199 -18.26 0.54 6.71
CA ASN B 199 -19.04 0.95 7.86
C ASN B 199 -19.72 -0.28 8.47
N SER B 200 -18.96 -0.94 9.35
CA SER B 200 -19.44 -1.80 10.42
C SER B 200 -18.24 -2.10 11.30
N PRO B 201 -18.06 -1.36 12.38
CA PRO B 201 -16.90 -1.59 13.24
C PRO B 201 -17.05 -2.87 14.04
N ALA B 202 -15.90 -3.39 14.45
CA ALA B 202 -15.92 -4.59 15.28
C ALA B 202 -16.75 -4.34 16.52
N PRO B 203 -17.35 -5.38 17.09
CA PRO B 203 -17.80 -5.30 18.48
C PRO B 203 -16.71 -4.75 19.39
N GLY B 204 -17.10 -3.97 20.39
CA GLY B 204 -16.19 -3.59 21.46
C GLY B 204 -15.54 -2.23 21.28
N GLY B 205 -14.45 -2.02 22.02
CA GLY B 205 -13.65 -0.80 21.98
C GLY B 205 -14.45 0.48 22.18
N PHE B 206 -14.16 1.49 21.35
CA PHE B 206 -14.68 2.82 21.57
C PHE B 206 -14.99 3.52 20.27
N LEU B 207 -15.95 4.42 20.36
CA LEU B 207 -16.16 5.47 19.38
C LEU B 207 -15.98 6.78 20.13
N ILE B 208 -14.95 7.54 19.76
CA ILE B 208 -14.61 8.82 20.40
C ILE B 208 -15.08 9.96 19.51
N VAL B 209 -15.86 10.89 20.05
CA VAL B 209 -16.32 12.05 19.28
C VAL B 209 -16.01 13.35 20.02
N SER B 210 -15.74 14.41 19.25
CA SER B 210 -15.84 15.75 19.80
C SER B 210 -17.19 16.35 19.39
N ASP B 211 -17.71 17.22 20.24
CA ASP B 211 -19.02 17.76 19.95
C ASP B 211 -18.97 19.04 19.14
N GLU B 212 -17.84 19.75 19.15
CA GLU B 212 -17.64 20.83 18.19
C GLU B 212 -17.49 20.31 16.78
N GLY B 213 -17.17 19.03 16.64
CA GLY B 213 -16.85 18.46 15.36
C GLY B 213 -15.46 18.75 14.88
N SER B 214 -14.58 19.19 15.76
CA SER B 214 -13.19 19.32 15.37
C SER B 214 -12.62 17.93 15.07
N ASP B 215 -11.60 17.89 14.22
CA ASP B 215 -11.00 16.61 13.88
C ASP B 215 -9.93 16.28 14.91
N PHE B 216 -9.69 14.98 15.10
CA PHE B 216 -8.68 14.51 16.04
C PHE B 216 -7.41 14.05 15.37
N VAL B 217 -7.28 14.30 14.07
CA VAL B 217 -6.13 13.91 13.26
C VAL B 217 -5.44 15.17 12.74
N ASP B 218 -4.19 15.03 12.32
CA ASP B 218 -3.39 16.14 11.79
C ASP B 218 -3.14 16.01 10.30
N GLN B 219 -3.95 15.23 9.60
CA GLN B 219 -3.81 15.03 8.18
C GLN B 219 -4.12 16.32 7.42
N PRO B 220 -3.35 16.67 6.38
CA PRO B 220 -3.71 17.83 5.57
C PRO B 220 -5.00 17.54 4.83
N TRP B 221 -5.90 18.50 4.84
CA TRP B 221 -7.22 18.32 4.26
C TRP B 221 -7.12 18.17 2.74
N PRO B 222 -7.78 17.17 2.15
CA PRO B 222 -7.80 17.08 0.69
C PRO B 222 -8.46 18.32 0.08
N SER B 223 -8.00 18.64 -1.12
CA SER B 223 -8.43 19.87 -1.77
C SER B 223 -9.83 19.71 -2.37
N ALA B 224 -10.04 18.69 -3.19
CA ALA B 224 -11.38 18.38 -3.68
C ALA B 224 -11.96 17.23 -2.87
N SER B 225 -13.25 17.30 -2.59
CA SER B 225 -13.92 16.26 -1.81
C SER B 225 -14.16 15.02 -2.65
N LEU B 226 -14.01 13.83 -2.04
CA LEU B 226 -14.03 12.56 -2.77
C LEU B 226 -15.09 12.52 -3.89
N TYR B 227 -16.29 12.98 -3.60
CA TYR B 227 -17.36 12.88 -4.58
C TYR B 227 -17.34 14.02 -5.59
N ASP B 228 -16.50 15.04 -5.38
CA ASP B 228 -16.28 16.08 -6.39
C ASP B 228 -15.22 15.70 -7.42
N TYR B 229 -14.43 14.64 -7.18
CA TYR B 229 -13.52 14.13 -8.20
C TYR B 229 -14.31 13.56 -9.38
N PRO B 230 -13.74 13.59 -10.60
CA PRO B 230 -14.37 12.87 -11.74
C PRO B 230 -14.59 11.41 -11.37
N PRO B 231 -15.73 10.84 -11.76
CA PRO B 231 -16.08 9.49 -11.30
C PRO B 231 -14.95 8.49 -11.44
N GLN B 232 -14.23 8.52 -12.57
CA GLN B 232 -13.23 7.50 -12.84
C GLN B 232 -12.03 7.62 -11.89
N GLU B 233 -11.76 8.82 -11.39
CA GLU B 233 -10.70 9.09 -10.42
C GLU B 233 -11.10 8.79 -8.98
N GLN B 234 -12.32 8.29 -8.73
CA GLN B 234 -12.82 8.25 -7.36
C GLN B 234 -12.26 7.07 -6.59
N TRP B 235 -12.03 5.96 -7.23
CA TRP B 235 -11.51 4.80 -6.57
C TRP B 235 -10.14 5.05 -6.09
N ASN B 236 -9.18 5.74 -6.94
CA ASN B 236 -7.88 6.08 -6.57
C ASN B 236 -7.88 7.04 -5.40
N ALA B 237 -8.88 7.95 -5.38
CA ALA B 237 -8.91 8.92 -4.34
C ALA B 237 -9.40 8.29 -3.08
N PHE B 238 -10.22 7.29 -3.20
CA PHE B 238 -10.71 6.57 -2.04
C PHE B 238 -9.61 5.69 -1.45
N GLN B 239 -8.93 4.92 -2.31
CA GLN B 239 -7.79 4.12 -1.88
C GLN B 239 -6.83 4.96 -1.04
N LYS B 240 -6.49 6.16 -1.53
CA LYS B 240 -5.55 6.97 -0.76
C LYS B 240 -6.17 7.45 0.54
N LEU B 241 -7.47 7.77 0.54
CA LEU B 241 -8.14 8.19 1.77
C LEU B 241 -8.11 7.07 2.80
N ALA B 242 -8.54 5.88 2.40
CA ALA B 242 -8.58 4.74 3.31
C ALA B 242 -7.19 4.38 3.85
N GLN B 243 -6.22 4.19 2.94
CA GLN B 243 -4.83 3.96 3.33
C GLN B 243 -4.33 5.00 4.35
N MET B 244 -4.76 6.24 4.20
CA MET B 244 -4.25 7.31 5.05
C MET B 244 -5.03 7.44 6.36
N LEU B 245 -6.23 6.83 6.47
CA LEU B 245 -7.13 7.09 7.61
C LEU B 245 -7.66 5.88 8.33
N MET B 246 -7.41 4.67 7.88
CA MET B 246 -7.95 3.55 8.64
C MET B 246 -7.09 3.21 9.86
N HIS B 247 -5.82 3.62 9.85
CA HIS B 247 -4.94 3.46 11.01
C HIS B 247 -4.21 4.79 11.31
N THR B 248 -4.95 5.86 11.36
CA THR B 248 -4.29 7.13 11.57
C THR B 248 -4.02 7.41 13.06
N PRO B 249 -2.91 8.07 13.38
CA PRO B 249 -2.76 8.66 14.72
C PRO B 249 -3.85 9.69 14.96
N PHE B 250 -4.23 9.84 16.24
CA PHE B 250 -5.29 10.76 16.61
C PHE B 250 -5.08 11.22 18.05
N ASN B 251 -5.58 12.42 18.36
CA ASN B 251 -5.51 12.98 19.68
C ASN B 251 -6.86 13.57 20.05
N ALA B 252 -7.34 13.26 21.26
CA ALA B 252 -8.60 13.78 21.75
C ALA B 252 -8.43 14.22 23.19
N GLU B 253 -8.93 15.41 23.52
CA GLU B 253 -8.84 15.84 24.89
C GLU B 253 -10.05 16.70 25.23
N GLY B 254 -10.53 16.53 26.46
CA GLY B 254 -11.69 17.27 26.90
C GLY B 254 -12.38 16.54 28.03
N ILE B 255 -13.56 17.05 28.36
CA ILE B 255 -14.37 16.50 29.45
C ILE B 255 -15.52 15.72 28.84
N VAL B 256 -15.87 14.62 29.50
CA VAL B 256 -16.88 13.72 28.97
C VAL B 256 -18.26 14.33 29.19
N THR B 257 -19.07 14.33 28.13
CA THR B 257 -20.43 14.85 28.13
C THR B 257 -21.48 13.76 28.16
N LYS B 258 -21.27 12.67 27.42
CA LYS B 258 -22.11 11.49 27.47
C LYS B 258 -21.22 10.27 27.29
N ILE B 259 -21.63 9.17 27.90
CA ILE B 259 -21.07 7.85 27.60
C ILE B 259 -22.21 6.85 27.65
N PHE B 260 -22.46 6.18 26.55
CA PHE B 260 -23.43 5.10 26.51
C PHE B 260 -22.73 3.89 25.91
N THR B 261 -23.43 2.76 25.91
CA THR B 261 -22.92 1.53 25.34
C THR B 261 -23.96 0.97 24.38
N ASP B 262 -23.61 0.84 23.10
CA ASP B 262 -24.56 0.46 22.07
C ASP B 262 -24.72 -1.06 22.01
N ALA B 263 -25.51 -1.52 21.03
CA ALA B 263 -25.93 -2.93 21.02
C ALA B 263 -24.76 -3.90 20.83
N ASN B 264 -23.72 -3.53 20.07
CA ASN B 264 -22.60 -4.46 19.90
C ASN B 264 -21.48 -4.22 20.92
N GLY B 265 -21.75 -3.50 21.99
CA GLY B 265 -20.79 -3.37 23.07
C GLY B 265 -19.73 -2.30 22.90
N THR B 266 -19.91 -1.36 21.97
CA THR B 266 -18.99 -0.25 21.75
C THR B 266 -19.35 0.93 22.67
N GLN B 267 -18.37 1.45 23.40
CA GLN B 267 -18.60 2.60 24.26
C GLN B 267 -18.45 3.89 23.45
N HIS B 268 -19.50 4.71 23.46
CA HIS B 268 -19.51 5.99 22.77
C HIS B 268 -19.21 7.11 23.76
N ILE B 269 -18.10 7.83 23.55
CA ILE B 269 -17.71 8.98 24.37
C ILE B 269 -17.93 10.28 23.60
N GLY B 270 -18.33 11.33 24.32
CA GLY B 270 -18.55 12.63 23.70
C GLY B 270 -17.76 13.73 24.41
N LEU B 271 -16.64 14.19 23.84
CA LEU B 271 -15.72 15.10 24.50
C LEU B 271 -15.95 16.57 24.10
N HIS B 272 -15.33 17.47 24.88
CA HIS B 272 -15.43 18.91 24.77
C HIS B 272 -14.26 19.58 25.50
N PRO B 273 -13.50 20.50 24.87
CA PRO B 273 -12.34 21.07 25.57
C PRO B 273 -12.65 22.41 26.27
#